data_3OT6
#
_entry.id   3OT6
#
_cell.length_a   162.517
_cell.length_b   162.517
_cell.length_c   162.517
_cell.angle_alpha   90.00
_cell.angle_beta   90.00
_cell.angle_gamma   90.00
#
_symmetry.space_group_name_H-M   'I 41 3 2'
#
loop_
_entity.id
_entity.type
_entity.pdbx_description
1 polymer 'Enoyl-CoA hydratase/isomerase family protein'
2 non-polymer (4S)-2-METHYL-2,4-PENTANEDIOL
3 non-polymer (4R)-2-METHYLPENTANE-2,4-DIOL
4 water water
#
_entity_poly.entity_id   1
_entity_poly.type   'polypeptide(L)'
_entity_poly.pdbx_seq_one_letter_code
;SNA(MSE)SDLVSYHLDDGVATLTLNNGKVNAISPDVIIAFNAALDQAEKDRAIVIVTGQPGILSGGYDLKV(MSE)TSS
AEAAINLVAQGSTLARR(MSE)LSHPFPIIVACPGHAVAKGAFLLLSADYRIGVAGPFSIGLNEVQIG(MSE)T(MSE)H
HAGIELARDRLRKSAFNRSVINAE(MSE)FDPEGA(MSE)AAGFLDKVVSVEELQGAALAVAAQLKKIN(MSE)NAHKKT
KLKVRKGLLDTLDAAIEQDRQH(MSE)L
;
_entity_poly.pdbx_strand_id   A
#
# COMPACT_ATOMS: atom_id res chain seq x y z
N ALA A 3 19.17 -6.12 -8.52
CA ALA A 3 18.38 -7.37 -8.76
C ALA A 3 16.98 -7.08 -8.27
N SER A 5 14.92 -9.05 -7.32
CA SER A 5 14.66 -9.81 -6.10
C SER A 5 15.26 -9.19 -4.86
N ASP A 6 16.14 -8.21 -4.97
CA ASP A 6 16.51 -7.48 -3.76
C ASP A 6 15.57 -6.32 -3.49
N LEU A 7 15.13 -5.61 -4.54
CA LEU A 7 14.12 -4.53 -4.47
C LEU A 7 12.80 -4.91 -3.72
N VAL A 8 12.12 -5.96 -4.21
CA VAL A 8 11.07 -6.54 -3.46
C VAL A 8 11.46 -8.03 -3.34
N SER A 9 11.99 -8.44 -2.18
CA SER A 9 12.34 -9.88 -2.02
C SER A 9 11.07 -10.73 -1.80
N TYR A 10 11.05 -11.96 -2.30
CA TYR A 10 9.91 -12.82 -2.08
C TYR A 10 10.28 -14.02 -1.21
N HIS A 11 9.65 -14.18 -0.08
CA HIS A 11 9.88 -15.44 0.60
C HIS A 11 8.56 -16.12 0.99
N LEU A 12 8.38 -17.39 0.63
CA LEU A 12 7.17 -18.17 1.01
C LEU A 12 7.43 -19.14 2.22
N ASP A 13 6.63 -19.06 3.25
CA ASP A 13 6.81 -19.91 4.37
C ASP A 13 5.44 -20.17 4.92
N ASP A 14 5.05 -21.45 4.97
CA ASP A 14 3.79 -21.89 5.60
C ASP A 14 2.57 -21.11 5.04
N GLY A 15 2.44 -21.04 3.72
CA GLY A 15 1.32 -20.32 3.05
C GLY A 15 1.21 -18.79 3.22
N VAL A 16 2.27 -18.17 3.75
CA VAL A 16 2.42 -16.72 3.80
C VAL A 16 3.57 -16.29 2.93
N ALA A 17 3.32 -15.39 1.97
CA ALA A 17 4.41 -14.83 1.14
C ALA A 17 4.73 -13.42 1.64
N THR A 18 5.92 -13.23 2.21
CA THR A 18 6.40 -11.95 2.66
C THR A 18 7.06 -11.28 1.49
N LEU A 19 6.55 -10.09 1.11
CA LEU A 19 7.13 -9.19 0.09
C LEU A 19 7.82 -8.05 0.81
N THR A 20 9.15 -8.03 0.74
CA THR A 20 9.91 -7.05 1.52
C THR A 20 10.43 -6.01 0.57
N LEU A 21 9.96 -4.77 0.70
CA LEU A 21 10.46 -3.73 -0.16
C LEU A 21 11.76 -3.29 0.45
N ASN A 22 12.77 -3.12 -0.40
CA ASN A 22 14.07 -2.65 0.04
C ASN A 22 14.78 -1.82 -1.06
N ASN A 23 14.51 -0.53 -1.07
CA ASN A 23 15.02 0.36 -2.11
C ASN A 23 15.67 1.63 -1.51
N GLY A 24 17.00 1.66 -1.40
CA GLY A 24 17.68 2.81 -0.84
C GLY A 24 17.21 3.25 0.55
N LYS A 25 17.38 4.53 0.85
CA LYS A 25 17.18 5.07 2.21
C LYS A 25 15.70 5.08 2.66
N VAL A 26 14.76 5.36 1.76
CA VAL A 26 13.36 5.61 2.18
C VAL A 26 12.31 4.74 1.45
N ASN A 27 12.79 3.65 0.83
CA ASN A 27 11.96 2.79 0.02
C ASN A 27 11.13 3.56 -1.03
N ALA A 28 11.73 4.48 -1.76
CA ALA A 28 10.97 5.16 -2.79
C ALA A 28 10.31 4.16 -3.75
N ILE A 29 9.14 4.52 -4.28
CA ILE A 29 8.45 3.72 -5.23
C ILE A 29 8.92 4.22 -6.59
N SER A 30 9.79 3.45 -7.21
CA SER A 30 10.35 3.78 -8.52
C SER A 30 9.65 2.91 -9.56
N PRO A 31 9.90 3.16 -10.87
CA PRO A 31 9.39 2.20 -11.90
C PRO A 31 9.84 0.74 -11.70
N ASP A 32 11.09 0.53 -11.32
CA ASP A 32 11.62 -0.82 -11.04
C ASP A 32 10.91 -1.44 -9.85
N VAL A 33 10.68 -0.65 -8.79
CA VAL A 33 9.94 -1.15 -7.63
C VAL A 33 8.59 -1.71 -8.02
N ILE A 34 7.89 -1.06 -8.93
CA ILE A 34 6.55 -1.51 -9.29
C ILE A 34 6.60 -2.81 -10.11
N ILE A 35 7.58 -2.89 -11.02
CA ILE A 35 7.83 -4.07 -11.78
C ILE A 35 8.19 -5.24 -10.81
N ALA A 36 9.06 -4.97 -9.86
CA ALA A 36 9.41 -5.98 -8.88
C ALA A 36 8.14 -6.43 -8.21
N PHE A 37 7.28 -5.48 -7.78
CA PHE A 37 6.03 -5.78 -7.03
C PHE A 37 5.09 -6.63 -7.86
N ASN A 38 4.87 -6.27 -9.12
CA ASN A 38 4.05 -7.08 -9.98
C ASN A 38 4.59 -8.52 -10.14
N ALA A 39 5.92 -8.66 -10.17
CA ALA A 39 6.54 -9.96 -10.37
C ALA A 39 6.35 -10.74 -9.10
N ALA A 40 6.43 -10.07 -7.96
CA ALA A 40 6.30 -10.77 -6.69
C ALA A 40 4.89 -11.19 -6.49
N LEU A 41 3.95 -10.50 -7.10
CA LEU A 41 2.54 -10.77 -6.81
C LEU A 41 2.07 -11.82 -7.74
N ASP A 42 2.67 -11.86 -8.93
CA ASP A 42 2.46 -12.95 -9.84
C ASP A 42 2.78 -14.27 -9.14
N GLN A 43 3.88 -14.28 -8.40
CA GLN A 43 4.42 -15.45 -7.80
C GLN A 43 3.48 -15.81 -6.66
N ALA A 44 3.05 -14.80 -5.89
CA ALA A 44 2.14 -14.99 -4.74
C ALA A 44 0.81 -15.57 -5.20
N GLU A 45 0.35 -15.23 -6.40
CA GLU A 45 -0.90 -15.76 -6.90
C GLU A 45 -0.66 -17.22 -7.19
N LYS A 46 0.49 -17.51 -7.78
CA LYS A 46 0.77 -18.85 -8.20
C LYS A 46 0.93 -19.78 -6.96
N ASP A 47 1.43 -19.26 -5.84
CA ASP A 47 1.53 -20.03 -4.58
C ASP A 47 0.29 -19.91 -3.71
N ARG A 48 -0.76 -19.28 -4.24
CA ARG A 48 -2.03 -19.11 -3.49
C ARG A 48 -1.83 -18.61 -2.09
N ALA A 49 -0.90 -17.69 -1.88
CA ALA A 49 -0.47 -17.39 -0.52
C ALA A 49 -1.21 -16.17 0.09
N ILE A 50 -1.41 -16.19 1.39
CA ILE A 50 -1.64 -14.97 2.09
C ILE A 50 -0.38 -14.04 1.95
N VAL A 51 -0.60 -12.78 1.53
CA VAL A 51 0.56 -11.90 1.23
C VAL A 51 0.74 -10.96 2.39
N ILE A 52 2.00 -10.79 2.82
CA ILE A 52 2.42 -9.75 3.79
C ILE A 52 3.42 -8.79 3.08
N VAL A 53 3.05 -7.53 2.86
CA VAL A 53 3.95 -6.55 2.27
C VAL A 53 4.54 -5.78 3.46
N THR A 54 5.86 -5.60 3.47
CA THR A 54 6.54 -4.88 4.54
C THR A 54 7.74 -4.10 3.96
N GLY A 55 8.38 -3.27 4.74
CA GLY A 55 9.51 -2.50 4.25
C GLY A 55 10.79 -2.80 5.00
N GLN A 56 11.57 -1.76 5.32
CA GLN A 56 12.78 -1.91 6.10
C GLN A 56 12.54 -1.37 7.51
N PRO A 57 13.43 -1.66 8.45
CA PRO A 57 13.11 -1.12 9.78
C PRO A 57 12.94 0.40 9.73
N GLY A 58 11.91 0.87 10.44
CA GLY A 58 11.61 2.26 10.56
C GLY A 58 10.90 2.85 9.35
N ILE A 59 10.75 2.09 8.25
CA ILE A 59 10.11 2.66 7.07
C ILE A 59 9.37 1.65 6.13
N LEU A 60 8.07 1.90 5.90
CA LEU A 60 7.34 1.23 4.81
C LEU A 60 7.75 1.82 3.45
N SER A 61 7.48 3.11 3.27
CA SER A 61 7.92 3.79 2.06
C SER A 61 7.62 5.27 2.22
N GLY A 62 8.54 6.12 1.72
CA GLY A 62 8.39 7.57 1.80
C GLY A 62 7.67 8.06 0.56
N GLY A 63 7.26 7.15 -0.33
CA GLY A 63 6.46 7.54 -1.49
C GLY A 63 7.19 7.36 -2.81
N TYR A 64 6.62 7.94 -3.88
CA TYR A 64 7.13 7.82 -5.22
C TYR A 64 8.52 8.40 -5.26
N ASP A 65 9.36 7.79 -6.11
CA ASP A 65 10.71 8.30 -6.38
C ASP A 65 10.61 9.69 -7.00
N LEU A 66 11.10 10.70 -6.28
CA LEU A 66 10.98 12.13 -6.66
C LEU A 66 11.87 12.44 -7.86
N LYS A 67 13.03 11.81 -7.87
CA LYS A 67 13.93 11.89 -8.98
C LYS A 67 13.21 11.52 -10.30
N VAL A 68 12.56 10.34 -10.37
CA VAL A 68 11.74 10.00 -11.54
C VAL A 68 10.61 10.97 -11.81
N THR A 70 10.23 14.15 -11.15
CA THR A 70 10.66 15.47 -11.62
C THR A 70 11.49 15.38 -12.89
N SER A 71 11.72 14.19 -13.42
CA SER A 71 12.60 14.03 -14.56
C SER A 71 11.87 14.45 -15.85
N SER A 72 10.56 14.24 -15.89
CA SER A 72 9.79 14.70 -17.00
C SER A 72 8.32 14.45 -16.71
N ALA A 73 7.48 15.21 -17.38
CA ALA A 73 6.08 14.97 -17.32
C ALA A 73 5.68 13.58 -17.79
N GLU A 74 6.41 12.96 -18.74
CA GLU A 74 5.97 11.63 -19.27
C GLU A 74 6.28 10.55 -18.23
N ALA A 75 7.40 10.76 -17.57
CA ALA A 75 7.89 9.82 -16.59
C ALA A 75 7.01 9.92 -15.38
N ALA A 76 6.59 11.13 -14.98
CA ALA A 76 5.71 11.30 -13.84
C ALA A 76 4.37 10.66 -14.15
N ILE A 77 3.88 10.85 -15.35
CA ILE A 77 2.58 10.35 -15.72
C ILE A 77 2.57 8.80 -15.75
N ASN A 78 3.66 8.21 -16.20
CA ASN A 78 3.71 6.80 -16.39
C ASN A 78 3.96 6.17 -15.02
N LEU A 79 4.75 6.86 -14.20
CA LEU A 79 5.02 6.36 -12.88
C LEU A 79 3.72 6.32 -12.04
N VAL A 80 2.92 7.39 -12.07
CA VAL A 80 1.76 7.41 -11.22
C VAL A 80 0.75 6.46 -11.76
N ALA A 81 0.65 6.35 -13.09
CA ALA A 81 -0.30 5.36 -13.67
C ALA A 81 0.04 3.91 -13.25
N GLN A 82 1.33 3.60 -13.16
CA GLN A 82 1.76 2.24 -12.82
C GLN A 82 1.48 2.01 -11.37
N GLY A 83 1.75 3.03 -10.55
CA GLY A 83 1.61 2.87 -9.14
C GLY A 83 0.13 2.76 -8.74
N SER A 84 -0.74 3.55 -9.39
CA SER A 84 -2.17 3.44 -9.19
C SER A 84 -2.74 2.09 -9.68
N THR A 85 -2.23 1.62 -10.86
CA THR A 85 -2.58 0.32 -11.44
C THR A 85 -2.20 -0.79 -10.41
N LEU A 86 -1.03 -0.61 -9.76
CA LEU A 86 -0.59 -1.55 -8.72
C LEU A 86 -1.54 -1.46 -7.53
N ALA A 87 -1.98 -0.25 -7.14
CA ALA A 87 -2.96 -0.17 -6.04
C ALA A 87 -4.26 -0.93 -6.41
N ARG A 88 -4.74 -0.73 -7.62
CA ARG A 88 -5.91 -1.41 -8.10
C ARG A 88 -5.67 -2.95 -8.12
N ARG A 89 -4.45 -3.38 -8.40
CA ARG A 89 -4.24 -4.81 -8.51
C ARG A 89 -4.26 -5.37 -7.12
N LEU A 91 -5.92 -4.34 -4.57
CA LEU A 91 -7.28 -4.36 -4.03
C LEU A 91 -8.10 -5.42 -4.73
N SER A 92 -7.59 -5.93 -5.85
CA SER A 92 -8.36 -7.00 -6.51
C SER A 92 -7.60 -8.34 -6.42
N HIS A 93 -6.60 -8.40 -5.54
CA HIS A 93 -5.81 -9.59 -5.42
C HIS A 93 -6.64 -10.79 -4.94
N PRO A 94 -6.43 -11.96 -5.52
CA PRO A 94 -7.30 -13.09 -5.18
C PRO A 94 -7.13 -13.69 -3.77
N PHE A 95 -6.07 -13.31 -3.07
CA PHE A 95 -5.84 -13.75 -1.69
C PHE A 95 -5.59 -12.50 -0.81
N PRO A 96 -5.72 -12.65 0.52
CA PRO A 96 -5.64 -11.52 1.41
C PRO A 96 -4.27 -10.85 1.35
N ILE A 97 -4.23 -9.52 1.31
CA ILE A 97 -2.99 -8.78 1.46
C ILE A 97 -2.93 -8.04 2.82
N ILE A 98 -1.88 -8.37 3.59
CA ILE A 98 -1.55 -7.72 4.84
C ILE A 98 -0.43 -6.75 4.55
N VAL A 99 -0.57 -5.54 5.04
CA VAL A 99 0.56 -4.60 4.97
C VAL A 99 1.01 -4.43 6.39
N ALA A 100 2.29 -4.72 6.59
CA ALA A 100 2.91 -4.68 7.90
C ALA A 100 3.87 -3.49 7.85
N CYS A 101 3.47 -2.37 8.45
CA CYS A 101 4.24 -1.17 8.24
C CYS A 101 5.27 -0.99 9.36
N PRO A 102 6.60 -1.06 9.02
CA PRO A 102 7.59 -1.04 10.14
C PRO A 102 8.00 0.35 10.67
N GLY A 103 7.33 1.42 10.26
CA GLY A 103 7.65 2.74 10.74
C GLY A 103 6.83 3.81 10.04
N HIS A 104 7.51 4.63 9.25
CA HIS A 104 6.90 5.73 8.47
C HIS A 104 6.20 5.18 7.23
N ALA A 105 5.12 5.83 6.83
CA ALA A 105 4.49 5.54 5.53
C ALA A 105 3.89 6.85 4.98
N VAL A 106 4.47 7.39 3.92
CA VAL A 106 4.15 8.78 3.52
C VAL A 106 3.81 8.73 2.06
N ALA A 107 2.76 9.48 1.67
CA ALA A 107 2.37 9.70 0.26
C ALA A 107 2.06 8.30 -0.32
N LYS A 108 2.60 7.92 -1.51
CA LYS A 108 2.34 6.59 -2.09
C LYS A 108 2.64 5.50 -1.04
N GLY A 109 3.64 5.69 -0.20
CA GLY A 109 3.83 4.67 0.84
C GLY A 109 2.58 4.54 1.72
N ALA A 110 1.89 5.64 2.00
CA ALA A 110 0.68 5.48 2.78
C ALA A 110 -0.49 4.96 1.88
N PHE A 111 -0.45 5.21 0.57
CA PHE A 111 -1.40 4.57 -0.32
C PHE A 111 -1.31 3.05 -0.33
N LEU A 112 -0.15 2.50 -0.02
CA LEU A 112 -0.06 1.06 -0.01
C LEU A 112 -0.96 0.51 1.10
N LEU A 113 -1.03 1.19 2.25
CA LEU A 113 -1.91 0.76 3.37
C LEU A 113 -3.43 0.85 3.05
N LEU A 114 -3.77 1.73 2.12
CA LEU A 114 -5.12 1.92 1.66
C LEU A 114 -5.47 0.93 0.54
N SER A 115 -4.55 0.01 0.20
CA SER A 115 -4.75 -0.86 -0.94
C SER A 115 -4.82 -2.34 -0.50
N ALA A 116 -4.98 -2.63 0.78
CA ALA A 116 -4.71 -3.94 1.31
C ALA A 116 -5.95 -4.40 2.09
N ASP A 117 -5.88 -5.62 2.60
CA ASP A 117 -7.00 -6.24 3.31
C ASP A 117 -6.95 -6.06 4.82
N TYR A 118 -5.73 -5.90 5.35
CA TYR A 118 -5.49 -5.77 6.76
C TYR A 118 -4.16 -4.97 6.88
N ARG A 119 -4.08 -4.05 7.83
CA ARG A 119 -2.88 -3.19 7.94
C ARG A 119 -2.40 -3.14 9.34
N ILE A 120 -1.12 -3.34 9.56
CA ILE A 120 -0.55 -3.30 10.93
C ILE A 120 0.62 -2.37 10.96
N GLY A 121 0.63 -1.49 11.94
CA GLY A 121 1.74 -0.54 12.05
C GLY A 121 2.47 -0.73 13.37
N VAL A 122 3.55 0.01 13.58
CA VAL A 122 4.35 -0.13 14.83
C VAL A 122 4.35 1.18 15.58
N ALA A 123 4.22 1.11 16.91
CA ALA A 123 4.33 2.29 17.81
C ALA A 123 5.73 2.95 17.77
N GLY A 124 5.76 4.26 17.85
CA GLY A 124 7.02 4.97 17.90
C GLY A 124 6.97 6.29 17.17
N PRO A 125 8.15 6.90 16.93
CA PRO A 125 8.15 8.29 16.43
C PRO A 125 7.96 8.34 14.93
N PHE A 126 6.89 7.72 14.42
CA PHE A 126 6.76 7.55 12.96
C PHE A 126 5.70 8.45 12.43
N SER A 127 5.80 8.81 11.16
CA SER A 127 4.74 9.56 10.53
C SER A 127 4.04 8.71 9.49
N ILE A 128 2.71 8.72 9.51
CA ILE A 128 1.99 8.10 8.44
C ILE A 128 1.02 9.13 7.87
N GLY A 129 1.07 9.36 6.56
CA GLY A 129 0.12 10.31 6.02
C GLY A 129 0.45 10.66 4.60
N LEU A 130 -0.29 11.65 4.08
CA LEU A 130 -0.29 12.02 2.72
C LEU A 130 0.21 13.47 2.64
N ASN A 131 1.48 13.65 2.31
CA ASN A 131 2.01 14.99 2.50
C ASN A 131 2.01 15.78 1.22
N GLU A 132 1.34 15.26 0.19
CA GLU A 132 1.54 15.84 -1.10
C GLU A 132 1.15 17.31 -1.17
N VAL A 133 0.12 17.69 -0.41
CA VAL A 133 -0.38 19.06 -0.45
C VAL A 133 0.64 19.97 0.24
N GLN A 134 1.41 19.39 1.15
CA GLN A 134 2.38 20.14 1.89
C GLN A 134 3.53 20.48 0.98
N ILE A 135 3.97 19.52 0.19
CA ILE A 135 5.07 19.85 -0.70
C ILE A 135 4.62 20.39 -2.05
N GLY A 136 3.35 20.73 -2.26
CA GLY A 136 2.97 21.49 -3.48
C GLY A 136 2.23 20.78 -4.59
N THR A 138 -1.00 18.85 -6.19
CA THR A 138 -2.41 18.61 -6.18
C THR A 138 -2.61 17.10 -6.29
N HIS A 140 -3.86 13.51 -7.07
CA HIS A 140 -4.46 12.85 -8.22
C HIS A 140 -5.77 12.15 -7.84
N HIS A 141 -6.63 11.94 -8.83
CA HIS A 141 -7.88 11.22 -8.60
C HIS A 141 -7.69 9.86 -7.92
N ALA A 142 -6.78 9.03 -8.41
CA ALA A 142 -6.56 7.73 -7.82
C ALA A 142 -6.32 7.83 -6.31
N GLY A 143 -5.46 8.75 -5.86
CA GLY A 143 -5.13 8.84 -4.47
C GLY A 143 -6.33 9.35 -3.68
N ILE A 144 -7.02 10.33 -4.23
CA ILE A 144 -8.18 10.87 -3.54
C ILE A 144 -9.12 9.71 -3.28
N GLU A 145 -9.33 8.91 -4.32
CA GLU A 145 -10.31 7.84 -4.30
C GLU A 145 -9.90 6.64 -3.42
N LEU A 146 -8.61 6.32 -3.36
CA LEU A 146 -8.13 5.33 -2.39
C LEU A 146 -8.33 5.84 -0.99
N ALA A 147 -8.13 7.14 -0.77
CA ALA A 147 -8.26 7.66 0.60
C ALA A 147 -9.73 7.75 0.99
N ARG A 148 -10.55 8.11 0.02
CA ARG A 148 -11.96 8.31 0.29
C ARG A 148 -12.57 7.02 0.76
N ASP A 149 -12.13 5.91 0.19
CA ASP A 149 -12.80 4.67 0.37
C ASP A 149 -12.41 4.07 1.69
N ARG A 150 -11.23 4.38 2.23
CA ARG A 150 -10.77 3.72 3.45
C ARG A 150 -10.71 4.61 4.72
N LEU A 151 -10.49 5.90 4.54
CA LEU A 151 -10.23 6.77 5.68
C LEU A 151 -11.53 7.19 6.37
N ARG A 152 -11.49 7.33 7.68
CA ARG A 152 -12.63 7.83 8.41
C ARG A 152 -13.00 9.23 7.85
N LYS A 153 -14.29 9.45 7.60
CA LYS A 153 -14.75 10.67 6.90
C LYS A 153 -14.12 12.01 7.39
N SER A 154 -13.90 12.13 8.70
CA SER A 154 -13.45 13.41 9.19
C SER A 154 -11.93 13.44 9.26
N ALA A 155 -11.28 12.26 9.16
CA ALA A 155 -9.83 12.19 8.99
C ALA A 155 -9.50 12.39 7.53
N PHE A 156 -10.41 12.04 6.63
CA PHE A 156 -10.15 12.12 5.17
C PHE A 156 -9.82 13.52 4.59
N ASN A 157 -10.63 14.56 4.84
CA ASN A 157 -10.28 15.92 4.43
C ASN A 157 -8.96 16.35 5.17
N ARG A 158 -8.72 15.88 6.38
CA ARG A 158 -7.54 16.37 7.08
C ARG A 158 -6.32 15.73 6.47
N SER A 159 -6.45 14.47 6.11
CA SER A 159 -5.29 13.81 5.53
C SER A 159 -4.94 14.33 4.12
N VAL A 160 -5.94 14.41 3.27
CA VAL A 160 -5.74 14.65 1.86
C VAL A 160 -5.66 16.16 1.58
N ILE A 161 -6.58 16.93 2.18
CA ILE A 161 -6.68 18.35 1.87
C ILE A 161 -5.71 19.18 2.76
N ASN A 162 -5.49 18.75 4.00
CA ASN A 162 -4.66 19.53 4.90
C ASN A 162 -3.28 18.92 5.01
N ALA A 163 -3.05 17.77 4.35
CA ALA A 163 -1.78 17.04 4.56
C ALA A 163 -1.50 16.73 6.07
N GLU A 164 -2.48 16.38 6.84
CA GLU A 164 -2.16 16.10 8.21
C GLU A 164 -1.35 14.83 8.31
N PHE A 166 0.09 11.72 10.73
CA PHE A 166 -0.40 10.93 11.89
C PHE A 166 0.72 10.16 12.55
N ASP A 167 0.60 10.05 13.86
CA ASP A 167 1.45 9.13 14.54
C ASP A 167 0.74 7.78 14.43
N PRO A 168 1.40 6.70 14.85
CA PRO A 168 0.75 5.40 14.64
C PRO A 168 -0.70 5.26 15.14
N GLU A 169 -0.97 5.68 16.37
CA GLU A 169 -2.31 5.57 16.96
C GLU A 169 -3.29 6.43 16.19
N GLY A 170 -2.85 7.63 15.87
CA GLY A 170 -3.64 8.53 15.05
C GLY A 170 -3.92 7.95 13.68
N ALA A 171 -2.93 7.24 13.10
CA ALA A 171 -3.13 6.67 11.80
C ALA A 171 -4.11 5.50 11.90
N ALA A 173 -6.74 5.40 14.26
CA ALA A 173 -7.98 6.15 14.30
C ALA A 173 -8.36 6.68 12.89
N ALA A 174 -7.38 7.13 12.07
CA ALA A 174 -7.84 7.71 10.76
C ALA A 174 -8.18 6.66 9.68
N GLY A 175 -7.67 5.44 9.82
CA GLY A 175 -7.98 4.38 8.86
C GLY A 175 -6.82 3.87 8.02
N PHE A 176 -5.61 4.43 8.24
CA PHE A 176 -4.41 3.90 7.61
C PHE A 176 -4.06 2.53 8.15
N LEU A 177 -4.39 2.26 9.43
CA LEU A 177 -3.94 1.05 10.13
C LEU A 177 -5.14 0.40 10.78
N ASP A 178 -5.13 -0.90 10.96
CA ASP A 178 -6.15 -1.61 11.78
C ASP A 178 -5.59 -1.99 13.16
N LYS A 179 -4.26 -1.97 13.28
CA LYS A 179 -3.65 -2.42 14.52
C LYS A 179 -2.27 -1.82 14.67
N VAL A 180 -1.97 -1.45 15.91
CA VAL A 180 -0.65 -0.93 16.32
C VAL A 180 -0.02 -1.88 17.38
N VAL A 181 1.17 -2.38 17.04
CA VAL A 181 1.95 -3.21 17.95
C VAL A 181 3.34 -2.59 18.13
N SER A 182 4.22 -3.25 18.88
CA SER A 182 5.58 -2.66 19.06
C SER A 182 6.47 -3.06 17.89
N VAL A 183 7.58 -2.34 17.71
CA VAL A 183 8.49 -2.66 16.62
C VAL A 183 8.83 -4.17 16.62
N GLU A 184 8.89 -4.77 17.81
CA GLU A 184 9.31 -6.18 17.96
C GLU A 184 8.16 -7.14 17.68
N GLU A 185 6.95 -6.77 18.10
CA GLU A 185 5.78 -7.58 17.81
C GLU A 185 5.33 -7.65 16.34
N LEU A 186 5.86 -6.78 15.48
CA LEU A 186 5.33 -6.66 14.12
C LEU A 186 5.25 -7.94 13.29
N GLN A 187 6.36 -8.66 13.15
CA GLN A 187 6.35 -9.87 12.34
C GLN A 187 5.34 -10.88 12.95
N GLY A 188 5.36 -10.99 14.28
CA GLY A 188 4.52 -11.94 14.97
C GLY A 188 3.07 -11.57 14.86
N ALA A 189 2.75 -10.28 14.92
CA ALA A 189 1.34 -9.87 14.82
C ALA A 189 0.80 -10.16 13.40
N ALA A 190 1.64 -9.90 12.39
CA ALA A 190 1.33 -10.18 10.99
C ALA A 190 1.07 -11.65 10.72
N LEU A 191 1.94 -12.55 11.19
CA LEU A 191 1.65 -14.00 11.12
C LEU A 191 0.40 -14.40 11.92
N ALA A 192 0.14 -13.74 13.02
CA ALA A 192 -1.05 -14.08 13.75
C ALA A 192 -2.36 -13.75 12.98
N VAL A 193 -2.38 -12.62 12.25
CA VAL A 193 -3.49 -12.22 11.40
C VAL A 193 -3.56 -13.14 10.19
N ALA A 194 -2.41 -13.43 9.61
CA ALA A 194 -2.34 -14.41 8.54
C ALA A 194 -2.96 -15.74 9.00
N ALA A 195 -2.66 -16.18 10.24
CA ALA A 195 -3.14 -17.45 10.72
C ALA A 195 -4.66 -17.41 10.74
N GLN A 196 -5.25 -16.27 11.15
CA GLN A 196 -6.71 -16.16 11.16
C GLN A 196 -7.32 -16.07 9.76
N LEU A 197 -6.57 -15.50 8.81
CA LEU A 197 -7.06 -15.43 7.43
C LEU A 197 -7.02 -16.80 6.77
N LYS A 198 -6.04 -17.62 7.14
CA LYS A 198 -5.98 -18.99 6.61
C LYS A 198 -7.32 -19.74 6.81
N LYS A 199 -8.11 -19.34 7.81
CA LYS A 199 -9.36 -20.02 8.16
C LYS A 199 -10.56 -19.73 7.30
N ILE A 200 -10.45 -18.77 6.38
CA ILE A 200 -11.56 -18.41 5.50
C ILE A 200 -11.48 -19.08 4.14
N ASN A 201 -12.60 -19.08 3.44
CA ASN A 201 -12.64 -19.72 2.18
C ASN A 201 -12.15 -18.76 1.09
N ASN A 203 -11.97 -18.86 -2.11
CA ASN A 203 -12.80 -18.59 -3.28
C ASN A 203 -13.90 -17.58 -2.95
N ALA A 204 -14.62 -17.80 -1.85
CA ALA A 204 -15.57 -16.83 -1.36
C ALA A 204 -14.91 -15.46 -1.05
N HIS A 205 -13.66 -15.45 -0.56
CA HIS A 205 -12.93 -14.22 -0.33
C HIS A 205 -12.72 -13.46 -1.64
N LYS A 206 -12.23 -14.14 -2.69
CA LYS A 206 -11.95 -13.53 -3.95
C LYS A 206 -13.24 -12.93 -4.53
N LYS A 207 -14.30 -13.74 -4.65
CA LYS A 207 -15.53 -13.29 -5.25
C LYS A 207 -16.11 -12.12 -4.44
N THR A 208 -16.16 -12.23 -3.09
CA THR A 208 -16.71 -11.15 -2.26
C THR A 208 -15.86 -9.85 -2.43
N LYS A 209 -14.55 -9.97 -2.48
CA LYS A 209 -13.68 -8.82 -2.69
C LYS A 209 -13.98 -8.10 -4.01
N LEU A 210 -14.00 -8.84 -5.12
CA LEU A 210 -14.39 -8.20 -6.38
C LEU A 210 -15.85 -7.61 -6.35
N LYS A 211 -16.77 -8.24 -5.63
CA LYS A 211 -18.16 -7.79 -5.64
C LYS A 211 -18.25 -6.53 -4.77
N VAL A 212 -17.67 -6.58 -3.59
CA VAL A 212 -17.75 -5.45 -2.70
C VAL A 212 -17.08 -4.26 -3.37
N ARG A 213 -15.94 -4.51 -4.00
CA ARG A 213 -15.00 -3.47 -4.41
C ARG A 213 -15.22 -2.98 -5.82
N LYS A 214 -16.25 -3.48 -6.50
CA LYS A 214 -16.49 -3.16 -7.91
C LYS A 214 -16.52 -1.69 -8.17
N GLY A 215 -17.36 -0.95 -7.44
CA GLY A 215 -17.39 0.51 -7.46
C GLY A 215 -16.00 1.14 -7.36
N LEU A 216 -15.19 0.66 -6.40
CA LEU A 216 -13.91 1.25 -6.14
C LEU A 216 -13.03 0.94 -7.32
N LEU A 217 -13.09 -0.30 -7.79
CA LEU A 217 -12.23 -0.75 -8.91
C LEU A 217 -12.58 -0.01 -10.21
N ASP A 218 -13.85 0.15 -10.55
CA ASP A 218 -14.17 0.92 -11.74
C ASP A 218 -13.72 2.36 -11.63
N THR A 219 -14.00 2.98 -10.49
CA THR A 219 -13.57 4.32 -10.16
C THR A 219 -12.04 4.52 -10.27
N LEU A 220 -11.27 3.56 -9.79
CA LEU A 220 -9.83 3.61 -9.95
C LEU A 220 -9.42 3.52 -11.44
N ASP A 221 -10.07 2.67 -12.24
CA ASP A 221 -9.77 2.59 -13.68
C ASP A 221 -10.04 3.96 -14.40
N ALA A 222 -11.20 4.59 -14.13
CA ALA A 222 -11.53 5.88 -14.66
C ALA A 222 -10.49 6.91 -14.21
N ALA A 223 -10.15 6.88 -12.92
CA ALA A 223 -9.19 7.81 -12.30
C ALA A 223 -7.84 7.69 -12.94
N ILE A 224 -7.38 6.45 -13.14
CA ILE A 224 -6.01 6.22 -13.68
C ILE A 224 -5.92 6.96 -15.04
N GLU A 225 -7.01 6.89 -15.81
CA GLU A 225 -7.08 7.51 -17.13
C GLU A 225 -7.20 9.03 -17.06
N GLN A 226 -8.11 9.52 -16.23
CA GLN A 226 -8.16 10.94 -15.93
C GLN A 226 -6.84 11.53 -15.45
N ASP A 227 -6.06 10.78 -14.68
CA ASP A 227 -4.84 11.26 -14.10
C ASP A 227 -3.76 11.35 -15.16
N ARG A 228 -3.70 10.35 -16.05
CA ARG A 228 -2.88 10.43 -17.27
C ARG A 228 -3.11 11.70 -18.05
N GLN A 229 -4.35 11.91 -18.47
CA GLN A 229 -4.72 13.08 -19.25
C GLN A 229 -4.55 14.40 -18.45
N HIS A 230 -5.01 14.46 -17.20
CA HIS A 230 -5.09 15.75 -16.50
C HIS A 230 -4.43 15.97 -15.13
N LEU A 232 -1.43 16.60 -14.34
CA LEU A 232 -0.40 17.64 -14.35
C LEU A 232 -1.00 18.96 -14.91
#